data_6DR7
#
_entry.id   6DR7
#
_cell.length_a   49.697
_cell.length_b   54.731
_cell.length_c   96.537
_cell.angle_alpha   90.000
_cell.angle_beta   90.000
_cell.angle_gamma   90.000
#
_symmetry.space_group_name_H-M   'P 21 21 21'
#
loop_
_entity.id
_entity.type
_entity.pdbx_description
1 polymer 'Targeted effector protein'
2 non-polymer 'ACETATE ION'
3 non-polymer 'VANADATE ION'
4 water water
#
_entity_poly.entity_id   1
_entity_poly.type   'polypeptide(L)'
_entity_poly.pdbx_seq_one_letter_code
;MRERPHTSGHHGAGEARATAPSTVSPYGPEARAELSSRLTTLRNTLAPATNDPRYLQACGGEKLNRFRDIQCRRQTAVRA
DLNANYIQVGNTRTIACQYPLQSQLESHFRMLAENRTPVLAVLASSSEIANQRFGMPDYFRQSGTYGSITVESKMTQQVG
LGDGIMADMYTLTIREAGQKTISVPVVHVTTWPDFGVPESEVTKALASLVDQTAETKRNMYESKGSSAVADDSKLRPVIH
CRAGVGRTAQLIGAMCMNDSRNSQLSVEDMVSQMRVQRNGIMVQKDEQLDVLIKLAEGQGRPLLNS
;
_entity_poly.pdbx_strand_id   A
#
loop_
_chem_comp.id
_chem_comp.type
_chem_comp.name
_chem_comp.formula
ACT non-polymer 'ACETATE ION' 'C2 H3 O2 -1'
VO4 non-polymer 'VANADATE ION' 'O4 V -3'
#
# COMPACT_ATOMS: atom_id res chain seq x y z
N SER A 25 26.10 -5.90 16.27
CA SER A 25 26.84 -4.93 15.48
C SER A 25 26.08 -4.53 14.21
N PRO A 26 25.88 -5.48 13.29
CA PRO A 26 25.17 -5.15 12.03
C PRO A 26 23.76 -4.69 12.27
N TYR A 27 23.13 -5.16 13.35
CA TYR A 27 21.80 -4.72 13.73
C TYR A 27 21.83 -4.05 15.09
N GLY A 28 23.00 -3.62 15.53
CA GLY A 28 23.13 -2.95 16.81
C GLY A 28 22.66 -1.51 16.74
N PRO A 29 22.78 -0.83 17.88
CA PRO A 29 22.27 0.56 17.95
C PRO A 29 23.06 1.54 17.09
N GLU A 30 24.36 1.33 16.87
CA GLU A 30 25.11 2.22 15.99
C GLU A 30 24.56 2.15 14.58
N ALA A 31 24.40 0.93 14.04
CA ALA A 31 23.88 0.78 12.69
C ALA A 31 22.47 1.34 12.58
N ARG A 32 21.64 1.11 13.60
CA ARG A 32 20.27 1.60 13.54
C ARG A 32 20.25 3.12 13.60
N ALA A 33 21.13 3.72 14.42
CA ALA A 33 21.23 5.17 14.45
C ALA A 33 21.70 5.73 13.11
N GLU A 34 22.65 5.06 12.47
CA GLU A 34 23.11 5.51 11.16
C GLU A 34 22.00 5.41 10.12
N LEU A 35 21.27 4.29 10.12
CA LEU A 35 20.11 4.15 9.25
C LEU A 35 19.13 5.29 9.46
N SER A 36 18.79 5.56 10.72
CA SER A 36 17.82 6.62 10.99
C SER A 36 18.36 7.97 10.56
N SER A 37 19.66 8.20 10.71
CA SER A 37 20.24 9.46 10.28
C SER A 37 20.06 9.65 8.78
N ARG A 38 20.40 8.63 7.99
CA ARG A 38 20.27 8.72 6.55
C ARG A 38 18.82 8.94 6.12
N LEU A 39 17.89 8.18 6.69
CA LEU A 39 16.48 8.32 6.32
C LEU A 39 15.91 9.68 6.75
N THR A 40 16.31 10.19 7.92
CA THR A 40 15.79 11.48 8.38
C THR A 40 16.17 12.59 7.42
N THR A 41 17.43 12.60 6.96
CA THR A 41 17.83 13.59 5.98
C THR A 41 16.94 13.49 4.74
N LEU A 42 16.72 12.26 4.27
CA LEU A 42 15.89 12.06 3.09
C LEU A 42 14.49 12.60 3.32
N ARG A 43 13.89 12.29 4.48
CA ARG A 43 12.56 12.79 4.78
C ARG A 43 12.54 14.31 4.77
N ASN A 44 13.39 14.93 5.59
CA ASN A 44 13.34 16.39 5.75
C ASN A 44 13.43 17.08 4.40
N THR A 45 14.28 16.58 3.51
CA THR A 45 14.44 17.23 2.21
C THR A 45 13.35 16.87 1.21
N LEU A 46 12.67 15.73 1.39
CA LEU A 46 11.51 15.42 0.55
C LEU A 46 10.25 16.13 1.00
N ALA A 47 10.29 16.85 2.13
CA ALA A 47 9.14 17.58 2.62
C ALA A 47 8.60 18.50 1.52
N PRO A 48 7.29 18.53 1.30
CA PRO A 48 6.76 19.34 0.20
C PRO A 48 6.75 20.82 0.54
N ALA A 49 7.16 21.61 -0.45
CA ALA A 49 6.98 23.06 -0.41
C ALA A 49 5.69 23.41 -1.15
N THR A 50 5.18 24.61 -0.90
CA THR A 50 3.96 25.01 -1.59
C THR A 50 4.18 24.92 -3.10
N ASN A 51 3.20 24.34 -3.80
CA ASN A 51 3.25 24.17 -5.25
C ASN A 51 4.52 23.43 -5.70
N ASP A 52 5.01 22.54 -4.84
CA ASP A 52 6.21 21.78 -5.12
C ASP A 52 6.08 21.03 -6.45
N PRO A 53 6.93 21.28 -7.44
CA PRO A 53 6.84 20.55 -8.71
C PRO A 53 7.12 19.07 -8.59
N ARG A 54 7.61 18.60 -7.44
CA ARG A 54 7.84 17.17 -7.26
C ARG A 54 6.55 16.43 -6.96
N TYR A 55 5.49 17.14 -6.57
CA TYR A 55 4.29 16.52 -6.03
C TYR A 55 3.06 16.94 -6.80
N LEU A 56 2.11 16.00 -6.91
CA LEU A 56 0.84 16.24 -7.57
C LEU A 56 0.06 17.33 -6.85
N GLN A 57 -0.47 18.29 -7.61
CA GLN A 57 -1.16 19.44 -7.06
C GLN A 57 -2.66 19.31 -7.28
N ALA A 58 -3.44 19.80 -6.32
CA ALA A 58 -4.88 19.78 -6.45
C ALA A 58 -5.32 20.68 -7.61
N CYS A 59 -6.45 20.33 -8.22
CA CYS A 59 -6.94 20.99 -9.40
C CYS A 59 -8.06 21.95 -9.01
N GLY A 60 -7.83 23.24 -9.17
CA GLY A 60 -8.88 24.24 -9.02
C GLY A 60 -9.56 24.24 -7.67
N GLY A 61 -8.86 23.82 -6.61
CA GLY A 61 -9.38 23.86 -5.26
C GLY A 61 -9.95 22.57 -4.74
N GLU A 62 -10.17 21.57 -5.60
CA GLU A 62 -10.74 20.31 -5.16
C GLU A 62 -9.74 19.53 -4.31
N LYS A 63 -10.17 19.08 -3.13
CA LYS A 63 -9.25 18.44 -2.21
C LYS A 63 -8.70 17.15 -2.79
N LEU A 64 -7.36 17.05 -2.81
CA LEU A 64 -6.65 15.89 -3.32
C LEU A 64 -6.03 15.07 -2.20
N ASN A 65 -5.29 15.69 -1.30
CA ASN A 65 -4.61 14.97 -0.23
C ASN A 65 -5.50 14.88 1.00
N ARG A 66 -5.62 13.67 1.55
CA ARG A 66 -6.37 13.50 2.78
C ARG A 66 -5.72 14.27 3.92
N PHE A 67 -4.39 14.31 3.92
CA PHE A 67 -3.60 15.05 4.90
C PHE A 67 -2.71 16.03 4.15
N ARG A 68 -2.79 17.30 4.54
CA ARG A 68 -2.13 18.38 3.79
C ARG A 68 -0.65 18.08 3.57
N ASP A 69 0.01 17.47 4.55
CA ASP A 69 1.45 17.26 4.53
C ASP A 69 1.86 15.93 3.93
N ILE A 70 0.92 15.11 3.48
CA ILE A 70 1.22 13.77 2.98
C ILE A 70 0.80 13.76 1.52
N GLN A 71 1.75 14.04 0.63
CA GLN A 71 1.46 14.32 -0.77
C GLN A 71 1.92 13.16 -1.66
N CYS A 72 1.69 13.33 -2.96
CA CYS A 72 1.79 12.25 -3.95
C CYS A 72 2.81 12.64 -5.02
N ARG A 73 3.93 11.93 -5.07
CA ARG A 73 5.00 12.22 -6.03
C ARG A 73 4.46 12.24 -7.46
N ARG A 74 4.67 13.35 -8.16
CA ARG A 74 4.04 13.52 -9.48
C ARG A 74 4.51 12.46 -10.47
N GLN A 75 5.81 12.19 -10.53
CA GLN A 75 6.29 11.39 -11.66
C GLN A 75 5.86 9.93 -11.56
N THR A 76 5.49 9.46 -10.37
CA THR A 76 4.99 8.11 -10.21
C THR A 76 3.49 8.07 -9.90
N ALA A 77 2.80 9.19 -10.03
CA ALA A 77 1.38 9.21 -9.71
C ALA A 77 0.58 8.31 -10.66
N VAL A 78 -0.39 7.59 -10.12
CA VAL A 78 -1.20 6.67 -10.92
C VAL A 78 -2.27 7.42 -11.70
N ARG A 79 -2.97 8.34 -11.05
CA ARG A 79 -4.03 9.12 -11.70
C ARG A 79 -3.94 10.56 -11.22
N ALA A 80 -4.28 11.49 -12.11
CA ALA A 80 -4.08 12.90 -11.77
C ALA A 80 -4.96 13.37 -10.63
N ASP A 81 -5.98 12.59 -10.26
CA ASP A 81 -6.91 13.01 -9.22
C ASP A 81 -6.95 12.04 -8.05
N LEU A 82 -5.89 11.23 -7.88
CA LEU A 82 -5.76 10.40 -6.69
C LEU A 82 -4.41 10.66 -6.04
N ASN A 83 -4.36 10.46 -4.73
CA ASN A 83 -3.13 10.42 -3.97
C ASN A 83 -2.73 8.95 -3.94
N ALA A 84 -1.91 8.54 -4.92
CA ALA A 84 -1.63 7.13 -5.20
C ALA A 84 -0.39 7.07 -6.09
N ASN A 85 0.52 6.14 -5.79
CA ASN A 85 1.81 6.09 -6.46
C ASN A 85 2.19 4.67 -6.86
N TYR A 86 2.72 4.53 -8.07
CA TYR A 86 3.49 3.34 -8.43
C TYR A 86 4.76 3.30 -7.59
N ILE A 87 5.02 2.15 -6.96
CA ILE A 87 6.23 1.95 -6.17
C ILE A 87 6.90 0.67 -6.65
N GLN A 88 8.20 0.75 -6.90
CA GLN A 88 9.00 -0.45 -7.16
C GLN A 88 10.14 -0.47 -6.15
N VAL A 89 10.13 -1.47 -5.28
CA VAL A 89 11.17 -1.64 -4.27
C VAL A 89 11.98 -2.85 -4.67
N GLY A 90 13.23 -2.63 -5.08
CA GLY A 90 13.97 -3.69 -5.72
C GLY A 90 13.28 -4.10 -7.01
N ASN A 91 12.75 -5.33 -7.04
CA ASN A 91 11.98 -5.82 -8.17
C ASN A 91 10.48 -5.83 -7.91
N THR A 92 10.06 -5.52 -6.69
CA THR A 92 8.68 -5.70 -6.26
C THR A 92 7.84 -4.48 -6.65
N ARG A 93 6.76 -4.70 -7.40
CA ARG A 93 5.96 -3.62 -7.95
C ARG A 93 4.59 -3.57 -7.26
N THR A 94 4.23 -2.41 -6.73
CA THR A 94 2.96 -2.24 -6.05
C THR A 94 2.40 -0.87 -6.37
N ILE A 95 1.23 -0.60 -5.81
CA ILE A 95 0.66 0.75 -5.72
C ILE A 95 0.37 1.03 -4.26
N ALA A 96 0.84 2.17 -3.77
CA ALA A 96 0.50 2.64 -2.42
C ALA A 96 -0.34 3.88 -2.55
N CYS A 97 -1.40 3.97 -1.75
CA CYS A 97 -2.27 5.14 -1.86
C CYS A 97 -2.84 5.49 -0.50
N GLN A 98 -3.44 6.67 -0.43
CA GLN A 98 -4.24 7.01 0.74
C GLN A 98 -5.61 6.34 0.63
N TYR A 99 -6.28 6.21 1.77
CA TYR A 99 -7.68 5.80 1.77
C TYR A 99 -8.47 6.81 0.93
N PRO A 100 -9.15 6.39 -0.13
CA PRO A 100 -9.76 7.39 -1.02
C PRO A 100 -10.76 8.27 -0.29
N LEU A 101 -10.76 9.55 -0.64
CA LEU A 101 -11.80 10.45 -0.18
C LEU A 101 -13.13 10.08 -0.86
N GLN A 102 -14.24 10.47 -0.21
CA GLN A 102 -15.55 10.15 -0.77
C GLN A 102 -15.67 10.66 -2.20
N SER A 103 -15.11 11.84 -2.48
CA SER A 103 -15.16 12.41 -3.82
C SER A 103 -14.32 11.64 -4.83
N GLN A 104 -13.37 10.82 -4.38
CA GLN A 104 -12.45 10.14 -5.26
C GLN A 104 -12.86 8.70 -5.57
N LEU A 105 -14.01 8.24 -5.08
CA LEU A 105 -14.28 6.81 -5.14
C LEU A 105 -14.41 6.31 -6.58
N GLU A 106 -15.09 7.07 -7.45
CA GLU A 106 -15.23 6.59 -8.82
C GLU A 106 -13.87 6.43 -9.48
N SER A 107 -13.00 7.44 -9.31
CA SER A 107 -11.65 7.35 -9.86
CA SER A 107 -11.65 7.36 -9.85
C SER A 107 -10.87 6.21 -9.23
N HIS A 108 -11.05 6.00 -7.92
CA HIS A 108 -10.34 4.92 -7.24
C HIS A 108 -10.78 3.56 -7.77
N PHE A 109 -12.08 3.38 -7.98
CA PHE A 109 -12.56 2.12 -8.56
C PHE A 109 -12.06 1.94 -9.99
N ARG A 110 -12.01 3.02 -10.77
CA ARG A 110 -11.48 2.90 -12.11
C ARG A 110 -10.00 2.51 -12.09
N MET A 111 -9.23 3.08 -11.15
CA MET A 111 -7.85 2.64 -11.00
C MET A 111 -7.77 1.15 -10.70
N LEU A 112 -8.61 0.68 -9.78
CA LEU A 112 -8.55 -0.73 -9.38
C LEU A 112 -8.85 -1.63 -10.57
N ALA A 113 -9.86 -1.28 -11.36
CA ALA A 113 -10.24 -2.11 -12.50
C ALA A 113 -9.19 -2.06 -13.60
N GLU A 114 -8.73 -0.86 -13.95
CA GLU A 114 -7.76 -0.73 -15.04
C GLU A 114 -6.45 -1.42 -14.72
N ASN A 115 -6.07 -1.43 -13.44
CA ASN A 115 -4.89 -2.13 -12.98
C ASN A 115 -5.08 -3.65 -12.94
N ARG A 116 -6.30 -4.15 -13.14
CA ARG A 116 -6.58 -5.58 -12.95
C ARG A 116 -6.07 -6.04 -11.59
N THR A 117 -6.41 -5.26 -10.57
CA THR A 117 -5.79 -5.38 -9.25
C THR A 117 -5.88 -6.82 -8.75
N PRO A 118 -4.75 -7.49 -8.50
CA PRO A 118 -4.81 -8.88 -8.02
C PRO A 118 -5.03 -8.96 -6.53
N VAL A 119 -4.81 -7.88 -5.79
CA VAL A 119 -5.19 -7.84 -4.38
C VAL A 119 -5.19 -6.41 -3.93
N LEU A 120 -6.20 -6.07 -3.14
CA LEU A 120 -6.32 -4.78 -2.46
C LEU A 120 -6.21 -5.05 -0.97
N ALA A 121 -5.17 -4.51 -0.35
CA ALA A 121 -4.94 -4.68 1.08
C ALA A 121 -5.29 -3.38 1.79
N VAL A 122 -6.36 -3.42 2.59
CA VAL A 122 -6.80 -2.28 3.40
C VAL A 122 -6.32 -2.51 4.82
N LEU A 123 -5.44 -1.64 5.30
CA LEU A 123 -4.84 -1.77 6.63
C LEU A 123 -5.45 -0.82 7.63
N ALA A 124 -6.44 -0.03 7.24
CA ALA A 124 -7.19 0.78 8.17
C ALA A 124 -8.13 -0.10 8.98
N SER A 125 -8.19 0.13 10.28
CA SER A 125 -8.99 -0.72 11.15
CA SER A 125 -8.98 -0.72 11.15
C SER A 125 -10.48 -0.43 10.97
N SER A 126 -11.30 -1.41 11.37
CA SER A 126 -12.74 -1.22 11.32
C SER A 126 -13.17 -0.01 12.14
N SER A 127 -12.59 0.17 13.33
CA SER A 127 -12.97 1.29 14.18
C SER A 127 -12.62 2.63 13.53
N GLU A 128 -11.52 2.69 12.78
CA GLU A 128 -11.20 3.94 12.09
C GLU A 128 -12.22 4.21 11.00
N ILE A 129 -12.46 3.22 10.14
CA ILE A 129 -13.45 3.38 9.08
C ILE A 129 -14.79 3.81 9.66
N ALA A 130 -15.15 3.32 10.84
CA ALA A 130 -16.45 3.64 11.40
C ALA A 130 -16.53 5.09 11.84
N ASN A 131 -15.43 5.63 12.35
CA ASN A 131 -15.39 6.98 12.89
C ASN A 131 -15.63 7.98 11.78
N GLN A 132 -16.85 8.49 11.69
CA GLN A 132 -17.19 9.41 10.61
C GLN A 132 -16.34 10.67 10.65
N ARG A 133 -15.78 11.01 11.82
CA ARG A 133 -14.91 12.17 11.89
C ARG A 133 -13.74 12.04 10.92
N PHE A 134 -13.41 10.83 10.48
CA PHE A 134 -12.26 10.59 9.64
C PHE A 134 -12.58 10.56 8.15
N GLY A 135 -13.85 10.54 7.76
CA GLY A 135 -14.22 10.59 6.36
C GLY A 135 -13.61 9.47 5.53
N MET A 136 -13.69 8.25 6.03
CA MET A 136 -13.19 7.08 5.31
C MET A 136 -14.37 6.26 4.83
N PRO A 137 -14.75 6.35 3.56
CA PRO A 137 -15.95 5.65 3.11
C PRO A 137 -15.77 4.14 3.12
N ASP A 138 -16.83 3.45 3.52
CA ASP A 138 -16.81 1.99 3.71
C ASP A 138 -17.04 1.32 2.35
N TYR A 139 -16.08 1.52 1.45
CA TYR A 139 -16.28 1.30 0.02
C TYR A 139 -16.06 -0.13 -0.44
N PHE A 140 -15.41 -0.98 0.37
CA PHE A 140 -15.14 -2.34 -0.02
C PHE A 140 -15.98 -3.38 0.71
N ARG A 141 -16.75 -2.97 1.73
CA ARG A 141 -17.61 -3.89 2.48
C ARG A 141 -19.08 -3.72 2.16
N GLN A 142 -19.44 -2.74 1.34
CA GLN A 142 -20.82 -2.48 0.96
C GLN A 142 -20.89 -2.31 -0.55
N SER A 143 -22.06 -2.60 -1.10
CA SER A 143 -22.25 -2.38 -2.52
C SER A 143 -22.74 -0.96 -2.75
N GLY A 144 -22.47 -0.43 -3.93
CA GLY A 144 -22.89 0.93 -4.19
C GLY A 144 -22.75 1.32 -5.65
N THR A 145 -23.15 2.55 -5.93
CA THR A 145 -23.00 3.17 -7.25
C THR A 145 -22.22 4.46 -7.07
N TYR A 146 -21.19 4.65 -7.91
CA TYR A 146 -20.31 5.81 -7.84
C TYR A 146 -20.20 6.37 -9.25
N GLY A 147 -21.01 7.38 -9.56
CA GLY A 147 -21.03 7.86 -10.93
C GLY A 147 -21.46 6.74 -11.85
N SER A 148 -20.59 6.38 -12.79
CA SER A 148 -20.94 5.36 -13.76
C SER A 148 -20.61 3.94 -13.31
N ILE A 149 -19.93 3.78 -12.16
CA ILE A 149 -19.42 2.48 -11.74
C ILE A 149 -20.33 1.89 -10.66
N THR A 150 -20.67 0.61 -10.81
CA THR A 150 -21.41 -0.14 -9.81
CA THR A 150 -21.39 -0.13 -9.79
C THR A 150 -20.47 -1.17 -9.18
N VAL A 151 -20.59 -1.37 -7.87
CA VAL A 151 -19.68 -2.23 -7.12
C VAL A 151 -20.50 -3.19 -6.28
N GLU A 152 -20.18 -4.47 -6.35
CA GLU A 152 -20.75 -5.50 -5.48
C GLU A 152 -19.63 -6.04 -4.60
N SER A 153 -19.90 -6.13 -3.30
CA SER A 153 -18.94 -6.68 -2.34
C SER A 153 -19.52 -7.95 -1.73
N LYS A 154 -18.76 -9.04 -1.79
CA LYS A 154 -19.14 -10.33 -1.22
C LYS A 154 -18.04 -10.75 -0.25
N MET A 155 -18.42 -11.04 0.99
CA MET A 155 -17.43 -11.47 1.97
C MET A 155 -17.05 -12.91 1.71
N THR A 156 -15.75 -13.20 1.69
CA THR A 156 -15.28 -14.56 1.43
C THR A 156 -14.67 -15.11 2.72
N GLN A 157 -13.39 -15.44 2.69
CA GLN A 157 -12.82 -16.14 3.84
C GLN A 157 -12.38 -15.16 4.93
N GLN A 158 -12.04 -15.71 6.09
CA GLN A 158 -11.43 -14.96 7.18
C GLN A 158 -10.19 -15.70 7.63
N VAL A 159 -9.05 -15.01 7.64
CA VAL A 159 -7.76 -15.62 7.89
C VAL A 159 -7.13 -14.97 9.13
N GLY A 160 -6.86 -15.77 10.16
CA GLY A 160 -6.13 -15.27 11.32
C GLY A 160 -4.67 -15.03 10.98
N LEU A 161 -4.14 -13.89 11.42
CA LEU A 161 -2.75 -13.53 11.19
C LEU A 161 -1.89 -13.69 12.44
N GLY A 162 -2.47 -14.17 13.52
CA GLY A 162 -1.73 -14.37 14.76
C GLY A 162 -2.12 -13.33 15.79
N ASP A 163 -2.00 -13.70 17.06
CA ASP A 163 -2.16 -12.76 18.16
C ASP A 163 -3.56 -12.13 18.16
N GLY A 164 -4.56 -12.88 17.71
CA GLY A 164 -5.92 -12.37 17.68
C GLY A 164 -6.25 -11.46 16.50
N ILE A 165 -5.29 -11.13 15.64
CA ILE A 165 -5.56 -10.28 14.49
C ILE A 165 -6.23 -11.09 13.39
N MET A 166 -7.25 -10.51 12.77
CA MET A 166 -8.05 -11.18 11.74
C MET A 166 -8.00 -10.41 10.43
N ALA A 167 -7.86 -11.14 9.34
CA ALA A 167 -7.99 -10.57 8.01
C ALA A 167 -9.34 -11.02 7.45
N ASP A 168 -10.25 -10.06 7.26
CA ASP A 168 -11.50 -10.34 6.55
C ASP A 168 -11.24 -10.17 5.07
N MET A 169 -11.66 -11.14 4.27
CA MET A 169 -11.48 -11.03 2.83
C MET A 169 -12.81 -10.86 2.11
N TYR A 170 -12.70 -10.24 0.94
CA TYR A 170 -13.87 -9.91 0.12
C TYR A 170 -13.49 -10.06 -1.34
N THR A 171 -14.50 -10.24 -2.19
CA THR A 171 -14.38 -10.05 -3.63
C THR A 171 -15.18 -8.80 -4.00
N LEU A 172 -14.51 -7.82 -4.60
CA LEU A 172 -15.14 -6.61 -5.09
C LEU A 172 -15.32 -6.73 -6.59
N THR A 173 -16.57 -6.66 -7.07
CA THR A 173 -16.85 -6.75 -8.48
C THR A 173 -17.22 -5.36 -8.99
N ILE A 174 -16.44 -4.87 -9.95
CA ILE A 174 -16.53 -3.49 -10.43
C ILE A 174 -17.10 -3.54 -11.84
N ARG A 175 -18.27 -2.94 -12.03
CA ARG A 175 -18.94 -2.94 -13.31
C ARG A 175 -19.12 -1.50 -13.79
N GLU A 176 -19.08 -1.32 -15.11
CA GLU A 176 -19.21 0.00 -15.72
C GLU A 176 -19.55 -0.22 -17.18
N ALA A 177 -20.71 0.28 -17.62
CA ALA A 177 -21.14 0.12 -19.01
C ALA A 177 -20.00 0.40 -19.97
N GLY A 178 -19.73 -0.55 -20.87
CA GLY A 178 -18.68 -0.41 -21.86
C GLY A 178 -17.30 -0.85 -21.41
N GLN A 179 -17.10 -1.11 -20.12
CA GLN A 179 -15.81 -1.54 -19.59
C GLN A 179 -15.85 -3.01 -19.22
N LYS A 180 -14.70 -3.68 -19.33
CA LYS A 180 -14.60 -5.05 -18.85
C LYS A 180 -14.90 -5.09 -17.35
N THR A 181 -15.78 -6.00 -16.94
CA THR A 181 -16.05 -6.20 -15.52
C THR A 181 -14.83 -6.84 -14.86
N ILE A 182 -14.48 -6.34 -13.68
CA ILE A 182 -13.26 -6.77 -12.98
C ILE A 182 -13.61 -7.09 -11.55
N SER A 183 -13.13 -8.24 -11.05
CA SER A 183 -13.30 -8.58 -9.65
C SER A 183 -11.96 -8.50 -8.94
N VAL A 184 -11.94 -7.88 -7.76
CA VAL A 184 -10.72 -7.57 -7.04
C VAL A 184 -10.76 -8.25 -5.68
N PRO A 185 -9.81 -9.15 -5.37
CA PRO A 185 -9.74 -9.69 -4.00
C PRO A 185 -9.32 -8.60 -3.03
N VAL A 186 -9.89 -8.65 -1.82
CA VAL A 186 -9.62 -7.66 -0.79
C VAL A 186 -9.14 -8.37 0.47
N VAL A 187 -8.05 -7.89 1.05
CA VAL A 187 -7.58 -8.33 2.36
C VAL A 187 -7.73 -7.13 3.28
N HIS A 188 -8.66 -7.21 4.24
CA HIS A 188 -8.87 -6.14 5.23
C HIS A 188 -8.45 -6.61 6.61
N VAL A 189 -7.41 -5.98 7.14
CA VAL A 189 -6.91 -6.24 8.49
C VAL A 189 -7.75 -5.42 9.45
N THR A 190 -8.58 -6.08 10.27
CA THR A 190 -9.63 -5.38 11.00
C THR A 190 -9.13 -4.67 12.25
N THR A 191 -8.03 -5.13 12.85
CA THR A 191 -7.40 -4.46 13.97
C THR A 191 -5.89 -4.65 13.85
N TRP A 192 -5.14 -3.90 14.63
CA TRP A 192 -3.69 -3.96 14.47
C TRP A 192 -3.02 -4.41 15.75
N PRO A 193 -1.95 -5.20 15.65
CA PRO A 193 -1.31 -5.73 16.87
C PRO A 193 -0.53 -4.65 17.61
N ASP A 194 -0.10 -5.02 18.81
CA ASP A 194 0.78 -4.20 19.63
C ASP A 194 2.23 -4.32 19.15
N PHE A 195 2.99 -3.26 19.39
CA PHE A 195 4.39 -3.23 18.99
C PHE A 195 5.13 -4.48 19.48
N GLY A 196 6.18 -4.84 18.75
CA GLY A 196 7.07 -5.89 19.21
C GLY A 196 7.07 -7.12 18.34
N VAL A 197 7.39 -8.27 18.94
CA VAL A 197 7.39 -9.52 18.19
C VAL A 197 6.01 -9.83 17.65
N PRO A 198 4.90 -9.58 18.37
CA PRO A 198 3.59 -9.80 17.77
C PRO A 198 3.40 -9.05 16.46
N GLU A 199 3.85 -7.80 16.37
CA GLU A 199 3.61 -7.06 15.13
C GLU A 199 4.52 -7.54 14.02
N SER A 200 5.77 -7.90 14.33
CA SER A 200 6.64 -8.44 13.29
C SER A 200 6.09 -9.77 12.77
N GLU A 201 5.51 -10.58 13.65
CA GLU A 201 4.95 -11.86 13.21
C GLU A 201 3.66 -11.67 12.40
N VAL A 202 2.77 -10.77 12.85
CA VAL A 202 1.58 -10.48 12.06
C VAL A 202 1.96 -9.90 10.71
N THR A 203 2.99 -9.05 10.67
CA THR A 203 3.38 -8.46 9.40
C THR A 203 3.84 -9.54 8.43
N LYS A 204 4.66 -10.48 8.91
CA LYS A 204 5.12 -11.55 8.04
C LYS A 204 3.94 -12.37 7.51
N ALA A 205 2.99 -12.71 8.39
CA ALA A 205 1.82 -13.48 7.97
C ALA A 205 0.95 -12.69 7.00
N LEU A 206 0.84 -11.38 7.20
CA LEU A 206 0.08 -10.54 6.28
C LEU A 206 0.74 -10.48 4.90
N ALA A 207 2.05 -10.30 4.85
CA ALA A 207 2.73 -10.25 3.55
C ALA A 207 2.55 -11.56 2.80
N SER A 208 2.68 -12.68 3.51
CA SER A 208 2.43 -13.98 2.88
C SER A 208 1.02 -14.05 2.31
N LEU A 209 0.03 -13.63 3.10
CA LEU A 209 -1.35 -13.70 2.65
C LEU A 209 -1.59 -12.80 1.44
N VAL A 210 -1.08 -11.58 1.49
CA VAL A 210 -1.29 -10.65 0.39
C VAL A 210 -0.59 -11.15 -0.87
N ASP A 211 0.67 -11.62 -0.74
CA ASP A 211 1.37 -12.18 -1.89
C ASP A 211 0.62 -13.38 -2.47
N GLN A 212 0.19 -14.30 -1.61
CA GLN A 212 -0.51 -15.48 -2.07
C GLN A 212 -1.79 -15.12 -2.81
N THR A 213 -2.58 -14.23 -2.22
CA THR A 213 -3.84 -13.82 -2.85
C THR A 213 -3.59 -13.20 -4.21
N ALA A 214 -2.53 -12.40 -4.34
CA ALA A 214 -2.20 -11.76 -5.61
C ALA A 214 -1.72 -12.78 -6.64
N GLU A 215 -0.91 -13.75 -6.21
CA GLU A 215 -0.42 -14.76 -7.13
C GLU A 215 -1.57 -15.60 -7.69
N THR A 216 -2.51 -16.00 -6.84
CA THR A 216 -3.66 -16.76 -7.33
C THR A 216 -4.43 -15.96 -8.38
N LYS A 217 -4.64 -14.66 -8.13
CA LYS A 217 -5.44 -13.86 -9.05
C LYS A 217 -4.66 -13.55 -10.32
N ARG A 218 -3.38 -13.20 -10.18
CA ARG A 218 -2.55 -12.98 -11.35
C ARG A 218 -2.50 -14.22 -12.24
N ASN A 219 -2.47 -15.41 -11.62
CA ASN A 219 -2.41 -16.64 -12.40
C ASN A 219 -3.67 -16.82 -13.23
N MET A 220 -4.83 -16.48 -12.65
CA MET A 220 -6.07 -16.54 -13.39
C MET A 220 -5.97 -15.70 -14.66
N TYR A 221 -5.52 -14.45 -14.53
CA TYR A 221 -5.35 -13.61 -15.72
C TYR A 221 -4.40 -14.26 -16.72
N GLU A 222 -3.29 -14.82 -16.25
CA GLU A 222 -2.34 -15.42 -17.16
C GLU A 222 -2.97 -16.58 -17.91
N SER A 223 -3.80 -17.38 -17.22
CA SER A 223 -4.44 -18.52 -17.85
C SER A 223 -5.46 -18.08 -18.90
N LYS A 224 -6.03 -16.88 -18.75
CA LYS A 224 -6.93 -16.32 -19.75
C LYS A 224 -6.20 -15.63 -20.90
N GLY A 225 -4.88 -15.46 -20.83
CA GLY A 225 -4.19 -14.70 -21.86
C GLY A 225 -4.36 -13.20 -21.76
N SER A 226 -4.65 -12.68 -20.57
CA SER A 226 -4.79 -11.24 -20.41
C SER A 226 -3.52 -10.51 -20.85
N SER A 227 -3.70 -9.47 -21.65
CA SER A 227 -2.58 -8.61 -22.01
C SER A 227 -1.99 -7.91 -20.79
N ALA A 228 -2.73 -7.88 -19.67
CA ALA A 228 -2.23 -7.17 -18.50
C ALA A 228 -0.93 -7.78 -17.98
N VAL A 229 -0.70 -9.07 -18.25
CA VAL A 229 0.49 -9.74 -17.73
C VAL A 229 1.77 -9.11 -18.29
N ALA A 230 1.70 -8.51 -19.46
CA ALA A 230 2.88 -7.95 -20.11
C ALA A 230 3.09 -6.49 -19.78
N ASP A 231 2.26 -5.90 -18.94
CA ASP A 231 2.33 -4.47 -18.64
C ASP A 231 2.75 -4.31 -17.18
N ASP A 232 4.01 -3.90 -16.97
CA ASP A 232 4.52 -3.76 -15.60
C ASP A 232 3.83 -2.65 -14.83
N SER A 233 3.04 -1.79 -15.49
CA SER A 233 2.22 -0.84 -14.76
C SER A 233 0.91 -1.45 -14.26
N LYS A 234 0.59 -2.68 -14.64
CA LYS A 234 -0.65 -3.33 -14.24
C LYS A 234 -0.37 -4.58 -13.39
N LEU A 235 -1.44 -5.13 -12.83
CA LEU A 235 -1.38 -6.31 -11.97
C LEU A 235 -0.63 -6.05 -10.68
N ARG A 236 -0.69 -4.80 -10.20
CA ARG A 236 0.05 -4.43 -8.99
C ARG A 236 -0.85 -4.57 -7.77
N PRO A 237 -0.37 -5.20 -6.69
CA PRO A 237 -1.07 -5.07 -5.41
C PRO A 237 -1.27 -3.60 -5.06
N VAL A 238 -2.47 -3.28 -4.56
CA VAL A 238 -2.80 -1.94 -4.11
C VAL A 238 -2.93 -1.97 -2.59
N ILE A 239 -2.18 -1.10 -1.91
CA ILE A 239 -2.12 -1.12 -0.44
C ILE A 239 -2.44 0.26 0.11
N HIS A 240 -3.38 0.34 1.05
CA HIS A 240 -3.52 1.61 1.76
C HIS A 240 -3.96 1.36 3.19
N CYS A 241 -3.59 2.29 4.06
CA CYS A 241 -4.15 2.42 5.40
C CYS A 241 -5.01 3.68 5.43
N ARG A 242 -4.82 4.60 6.35
CA ARG A 242 -5.50 5.90 6.25
C ARG A 242 -4.75 6.84 5.31
N ALA A 243 -3.48 7.14 5.61
CA ALA A 243 -2.66 8.03 4.81
C ALA A 243 -1.79 7.31 3.79
N GLY A 244 -1.61 6.00 3.91
CA GLY A 244 -0.81 5.25 2.95
C GLY A 244 0.69 5.42 3.14
N VAL A 245 1.16 5.65 4.37
CA VAL A 245 2.60 5.86 4.58
C VAL A 245 3.14 5.08 5.78
N GLY A 246 2.26 4.59 6.65
CA GLY A 246 2.72 3.90 7.85
C GLY A 246 2.65 2.40 7.74
N ARG A 247 1.53 1.82 8.17
CA ARG A 247 1.30 0.40 7.96
C ARG A 247 1.46 0.02 6.49
N THR A 248 1.15 0.94 5.58
CA THR A 248 1.28 0.62 4.16
C THR A 248 2.73 0.38 3.78
N ALA A 249 3.63 1.25 4.24
CA ALA A 249 5.05 1.10 3.93
C ALA A 249 5.63 -0.11 4.63
N GLN A 250 5.20 -0.36 5.88
CA GLN A 250 5.64 -1.55 6.60
C GLN A 250 5.32 -2.81 5.83
N LEU A 251 4.07 -2.92 5.31
CA LEU A 251 3.67 -4.09 4.55
C LEU A 251 4.45 -4.19 3.26
N ILE A 252 4.59 -3.07 2.55
CA ILE A 252 5.34 -3.12 1.29
C ILE A 252 6.77 -3.58 1.54
N GLY A 253 7.40 -3.09 2.61
CA GLY A 253 8.75 -3.53 2.92
C GLY A 253 8.77 -5.02 3.23
N ALA A 254 7.77 -5.50 3.96
CA ALA A 254 7.70 -6.92 4.26
C ALA A 254 7.49 -7.74 3.00
N MET A 255 6.67 -7.25 2.07
CA MET A 255 6.45 -7.98 0.83
C MET A 255 7.72 -8.04 -0.02
N CYS A 256 8.49 -6.95 -0.06
CA CYS A 256 9.67 -6.99 -0.90
C CYS A 256 10.73 -7.93 -0.33
N MET A 257 10.74 -8.11 1.00
CA MET A 257 11.63 -9.11 1.60
C MET A 257 11.20 -10.54 1.29
N ASN A 258 9.94 -10.75 0.94
CA ASN A 258 9.49 -12.08 0.53
C ASN A 258 9.81 -12.39 -0.92
N ASP A 259 10.21 -11.40 -1.71
CA ASP A 259 10.45 -11.58 -3.13
C ASP A 259 11.84 -12.16 -3.33
N SER A 260 11.91 -13.36 -3.92
CA SER A 260 13.21 -13.99 -4.11
C SER A 260 14.15 -13.15 -4.95
N ARG A 261 13.62 -12.23 -5.76
CA ARG A 261 14.44 -11.44 -6.67
C ARG A 261 15.23 -10.34 -5.96
N ASN A 262 14.98 -10.08 -4.68
CA ASN A 262 15.50 -8.90 -4.01
C ASN A 262 16.67 -9.19 -3.09
N SER A 263 17.46 -10.21 -3.39
CA SER A 263 18.64 -10.50 -2.59
C SER A 263 19.55 -9.28 -2.51
N GLN A 264 20.06 -9.00 -1.30
CA GLN A 264 21.01 -7.94 -1.02
C GLN A 264 20.40 -6.54 -1.03
N LEU A 265 19.11 -6.42 -1.23
CA LEU A 265 18.48 -5.10 -1.13
C LEU A 265 18.44 -4.68 0.34
N SER A 266 18.99 -3.50 0.64
CA SER A 266 19.15 -3.07 2.02
C SER A 266 17.87 -2.42 2.53
N VAL A 267 17.76 -2.31 3.87
CA VAL A 267 16.63 -1.58 4.41
C VAL A 267 16.73 -0.11 4.01
N GLU A 268 17.96 0.43 3.99
CA GLU A 268 18.14 1.79 3.50
C GLU A 268 17.64 1.94 2.07
N ASP A 269 17.97 0.97 1.20
CA ASP A 269 17.48 0.99 -0.18
C ASP A 269 15.96 1.00 -0.22
N MET A 270 15.32 0.06 0.49
CA MET A 270 13.88 -0.08 0.29
C MET A 270 13.12 1.13 0.84
N VAL A 271 13.59 1.69 1.95
CA VAL A 271 12.88 2.86 2.47
C VAL A 271 13.17 4.09 1.60
N SER A 272 14.42 4.23 1.14
CA SER A 272 14.72 5.34 0.24
CA SER A 272 14.72 5.34 0.24
C SER A 272 13.89 5.25 -1.04
N GLN A 273 13.67 4.03 -1.52
CA GLN A 273 12.90 3.87 -2.75
C GLN A 273 11.44 4.23 -2.53
N MET A 274 10.85 3.77 -1.42
CA MET A 274 9.46 4.16 -1.12
C MET A 274 9.34 5.66 -0.97
N ARG A 275 10.35 6.31 -0.38
CA ARG A 275 10.23 7.74 -0.12
C ARG A 275 10.36 8.56 -1.40
N VAL A 276 11.31 8.22 -2.27
CA VAL A 276 11.45 8.96 -3.52
C VAL A 276 10.26 8.73 -4.44
N GLN A 277 9.58 7.59 -4.29
CA GLN A 277 8.51 7.26 -5.22
C GLN A 277 7.11 7.59 -4.72
N ARG A 278 6.97 8.01 -3.45
CA ARG A 278 5.66 8.43 -2.94
C ARG A 278 5.80 9.72 -2.15
N ASN A 279 6.41 9.69 -0.97
CA ASN A 279 6.76 10.92 -0.26
C ASN A 279 7.75 10.59 0.86
N GLY A 280 8.27 11.63 1.50
CA GLY A 280 9.28 11.48 2.54
C GLY A 280 8.77 10.87 3.82
N ILE A 281 7.47 10.61 3.92
CA ILE A 281 6.89 10.10 5.16
C ILE A 281 6.79 8.57 5.15
N MET A 282 7.01 7.93 4.02
CA MET A 282 6.88 6.48 3.94
C MET A 282 7.73 5.83 5.04
N VAL A 283 7.09 4.96 5.83
CA VAL A 283 7.63 4.49 7.10
C VAL A 283 7.59 5.69 8.06
N GLN A 284 6.42 5.95 8.62
CA GLN A 284 6.19 7.20 9.33
C GLN A 284 6.76 7.18 10.75
N LYS A 285 6.68 6.04 11.44
CA LYS A 285 7.00 5.97 12.86
C LYS A 285 8.22 5.08 13.09
N ASP A 286 8.98 5.40 14.13
CA ASP A 286 10.13 4.59 14.50
C ASP A 286 9.76 3.11 14.64
N GLU A 287 8.57 2.83 15.16
CA GLU A 287 8.16 1.45 15.40
C GLU A 287 7.94 0.70 14.09
N GLN A 288 7.55 1.42 13.04
CA GLN A 288 7.39 0.77 11.74
C GLN A 288 8.75 0.45 11.14
N LEU A 289 9.71 1.37 11.28
CA LEU A 289 11.07 1.05 10.85
C LEU A 289 11.65 -0.11 11.65
N ASP A 290 11.34 -0.18 12.96
CA ASP A 290 11.87 -1.28 13.77
C ASP A 290 11.34 -2.63 13.31
N VAL A 291 10.08 -2.68 12.84
CA VAL A 291 9.58 -3.92 12.25
C VAL A 291 10.41 -4.32 11.04
N LEU A 292 10.70 -3.36 10.16
CA LEU A 292 11.51 -3.68 8.99
C LEU A 292 12.90 -4.14 9.39
N ILE A 293 13.52 -3.46 10.36
CA ILE A 293 14.84 -3.89 10.85
C ILE A 293 14.79 -5.31 11.38
N LYS A 294 13.73 -5.65 12.13
CA LYS A 294 13.66 -7.00 12.71
C LYS A 294 13.44 -8.06 11.63
N LEU A 295 12.61 -7.78 10.62
CA LEU A 295 12.47 -8.72 9.52
C LEU A 295 13.79 -8.89 8.77
N ALA A 296 14.49 -7.78 8.52
CA ALA A 296 15.78 -7.87 7.84
C ALA A 296 16.78 -8.66 8.68
N GLU A 297 16.83 -8.39 9.98
CA GLU A 297 17.73 -9.14 10.85
C GLU A 297 17.44 -10.65 10.75
N GLY A 298 16.16 -11.02 10.67
CA GLY A 298 15.81 -12.43 10.54
C GLY A 298 16.35 -13.08 9.30
N GLN A 299 16.60 -12.30 8.25
CA GLN A 299 17.11 -12.80 6.98
C GLN A 299 18.60 -12.60 6.81
N GLY A 300 19.27 -11.92 7.74
CA GLY A 300 20.64 -11.52 7.47
C GLY A 300 20.76 -10.47 6.40
N ARG A 301 19.69 -9.77 6.09
CA ARG A 301 19.66 -8.71 5.07
C ARG A 301 20.30 -7.43 5.62
N PRO A 302 21.15 -6.76 4.84
CA PRO A 302 21.83 -5.58 5.37
C PRO A 302 20.86 -4.44 5.68
N LEU A 303 21.18 -3.67 6.72
CA LEU A 303 20.42 -2.46 7.00
C LEU A 303 20.91 -1.29 6.15
N LEU A 304 22.21 -1.18 5.97
CA LEU A 304 22.84 -0.01 5.36
C LEU A 304 23.53 -0.39 4.07
N ASN A 305 23.66 0.59 3.18
CA ASN A 305 24.52 0.45 2.02
C ASN A 305 25.97 0.77 2.38
N SER A 306 26.88 -0.06 1.90
CA SER A 306 28.31 0.14 2.13
C SER A 306 28.85 1.16 1.16
C ACT B . -1.36 9.08 9.77
O ACT B . -1.13 10.31 9.82
OXT ACT B . -0.52 8.39 9.15
CH3 ACT B . -2.58 8.44 10.40
H1 ACT B . -3.18 9.22 10.88
H2 ACT B . -2.26 7.72 11.14
H3 ACT B . -3.17 7.95 9.63
V VO4 C . -1.21 4.89 8.13
O1 VO4 C . -1.07 5.99 9.96
O2 VO4 C . -0.42 3.39 9.27
O3 VO4 C . -3.28 5.18 8.35
O4 VO4 C . -0.11 6.13 6.95
#